data_5CY5
#
_entry.id   5CY5
#
_cell.length_a   106.700
_cell.length_b   106.700
_cell.length_c   106.700
_cell.angle_alpha   90.000
_cell.angle_beta   90.000
_cell.angle_gamma   90.000
#
_symmetry.space_group_name_H-M   'P 2 3'
#
loop_
_entity.id
_entity.type
_entity.pdbx_description
1 polymer T33-51H-B
2 polymer T33-51H-A
#
loop_
_entity_poly.entity_id
_entity_poly.type
_entity_poly.pdbx_seq_one_letter_code
_entity_poly.pdbx_strand_id
1 'polypeptide(L)'
;MFTRRGDQGETDLANRARVGKDSPVVEVQGTIDELNSFIGYALVLSRWDDIRNDLFRIQNDLFVLGEDVSTGGKGRTVTM
DMIIYLIKRSVEMKAEIGKIELFVVPGGSVESASLHMARAVSRRLERRIKAASELTEINANVLLYANMLSNILFMHALIS
NKRLNIPEKIWSIHRVSLEHHHHHH
;
B
2 'polypeptide(L)'
;MRITTKVGDKGSTRLFGGEEVWKDDPIIEANGTLDELTSFIGEAKHYVDEEMKGILEEIQNDIYKIMGEIGSKGKIEGIS
EERIKWLAGLIERYSEMVNKLSFVLPGGTLESAKLDVCRTIARRAERKVATVLREFGIGTLAAIYLALLSRLLFLLARVI
EIEKNKLKEVRS
;
A
#
# COMPACT_ATOMS: atom_id res chain seq x y z
N SER A 23 20.86 19.77 6.82
CA SER A 23 20.48 18.50 7.44
C SER A 23 19.15 17.99 6.89
N PRO A 24 19.11 17.75 5.56
CA PRO A 24 17.83 17.39 4.95
C PRO A 24 17.30 16.06 5.45
N VAL A 25 17.93 14.99 4.97
CA VAL A 25 17.59 13.63 5.33
C VAL A 25 18.10 13.28 6.72
N VAL A 26 18.93 14.15 7.27
CA VAL A 26 19.52 13.91 8.58
C VAL A 26 18.44 13.74 9.63
N GLU A 27 17.49 14.68 9.63
CA GLU A 27 16.40 14.63 10.60
C GLU A 27 15.59 13.37 10.39
N VAL A 28 15.48 12.95 9.13
CA VAL A 28 14.75 11.75 8.76
C VAL A 28 15.40 10.51 9.39
N GLN A 29 16.69 10.34 9.14
CA GLN A 29 17.46 9.22 9.71
C GLN A 29 17.28 9.14 11.22
N GLY A 30 17.32 10.29 11.86
CA GLY A 30 17.34 10.37 13.31
C GLY A 30 16.01 10.01 13.91
N THR A 31 14.96 10.06 13.10
CA THR A 31 13.64 9.64 13.55
C THR A 31 13.49 8.14 13.31
N ILE A 32 14.12 7.64 12.26
CA ILE A 32 14.20 6.19 12.03
C ILE A 32 14.87 5.49 13.21
N ASP A 33 16.03 6.01 13.60
CA ASP A 33 16.73 5.50 14.77
C ASP A 33 15.87 5.69 16.00
N GLU A 34 15.13 6.80 16.06
CA GLU A 34 14.26 7.06 17.18
C GLU A 34 13.12 6.05 17.21
N LEU A 35 12.37 5.95 16.11
CA LEU A 35 11.26 5.02 16.04
C LEU A 35 11.70 3.60 16.29
N ASN A 36 12.82 3.23 15.68
CA ASN A 36 13.38 1.89 15.80
C ASN A 36 13.56 1.43 17.26
N SER A 37 14.08 2.33 18.09
CA SER A 37 14.28 2.01 19.50
C SER A 37 12.94 1.74 20.20
N PHE A 38 11.93 2.57 19.90
CA PHE A 38 10.57 2.40 20.43
C PHE A 38 9.93 1.05 20.07
N ILE A 39 10.12 0.62 18.82
CA ILE A 39 9.62 -0.67 18.35
C ILE A 39 10.17 -1.80 19.22
N GLY A 40 11.47 -1.75 19.49
CA GLY A 40 12.14 -2.76 20.27
C GLY A 40 11.87 -2.73 21.76
N TYR A 41 11.20 -1.67 22.20
CA TYR A 41 10.69 -1.59 23.56
C TYR A 41 9.32 -2.28 23.63
N ALA A 42 8.44 -1.93 22.70
CA ALA A 42 7.12 -2.55 22.62
C ALA A 42 7.20 -4.04 22.33
N LEU A 43 8.22 -4.44 21.59
CA LEU A 43 8.49 -5.83 21.30
C LEU A 43 8.72 -6.59 22.62
N VAL A 44 9.67 -6.09 23.41
CA VAL A 44 10.11 -6.76 24.63
C VAL A 44 9.01 -6.78 25.71
N LEU A 45 7.90 -6.10 25.41
CA LEU A 45 6.78 -6.08 26.31
C LEU A 45 5.67 -7.01 25.84
N SER A 46 5.56 -7.18 24.52
CA SER A 46 4.49 -7.97 23.94
C SER A 46 4.58 -9.41 24.42
N ARG A 47 3.43 -10.03 24.60
CA ARG A 47 3.39 -11.42 25.04
C ARG A 47 3.02 -12.37 23.90
N TRP A 48 2.99 -11.88 22.66
CA TRP A 48 2.52 -12.68 21.52
C TRP A 48 3.55 -12.70 20.41
N ASP A 49 3.70 -13.88 19.79
CA ASP A 49 4.81 -14.18 18.88
C ASP A 49 4.69 -13.55 17.50
N ASP A 50 3.48 -13.54 16.95
CA ASP A 50 3.23 -12.89 15.67
C ASP A 50 3.48 -11.40 15.76
N ILE A 51 3.20 -10.81 16.92
CA ILE A 51 3.45 -9.39 17.10
C ILE A 51 4.95 -9.14 17.15
N ARG A 52 5.64 -9.91 17.99
CA ARG A 52 7.08 -9.71 18.18
C ARG A 52 7.82 -9.94 16.86
N ASN A 53 7.47 -11.01 16.16
CA ASN A 53 8.03 -11.26 14.83
C ASN A 53 7.89 -10.00 13.96
N ASP A 54 6.64 -9.55 13.80
CA ASP A 54 6.33 -8.34 13.04
C ASP A 54 7.23 -7.15 13.41
N LEU A 55 7.27 -6.85 14.70
CA LEU A 55 8.04 -5.71 15.17
C LEU A 55 9.49 -5.85 14.74
N PHE A 56 9.97 -7.09 14.69
CA PHE A 56 11.34 -7.33 14.33
C PHE A 56 11.59 -7.17 12.84
N ARG A 57 10.70 -7.71 12.00
CA ARG A 57 10.82 -7.53 10.55
C ARG A 57 10.94 -6.05 10.26
N ILE A 58 10.07 -5.27 10.90
CA ILE A 58 10.07 -3.83 10.77
C ILE A 58 11.39 -3.17 11.16
N GLN A 59 11.86 -3.46 12.37
CA GLN A 59 13.14 -2.94 12.87
C GLN A 59 14.21 -3.06 11.80
N ASN A 60 14.19 -4.21 11.12
CA ASN A 60 15.09 -4.49 10.00
C ASN A 60 14.82 -3.64 8.78
N ASP A 61 13.54 -3.57 8.42
CA ASP A 61 13.13 -2.83 7.25
C ASP A 61 13.36 -1.34 7.47
N LEU A 62 13.36 -0.91 8.72
CA LEU A 62 13.74 0.46 9.03
C LEU A 62 15.20 0.75 8.66
N PHE A 63 16.05 -0.27 8.74
CA PHE A 63 17.47 -0.11 8.40
C PHE A 63 17.65 0.04 6.92
N VAL A 64 16.79 -0.65 6.18
CA VAL A 64 16.71 -0.59 4.72
C VAL A 64 16.22 0.78 4.28
N LEU A 65 15.06 1.12 4.82
CA LEU A 65 14.44 2.42 4.64
C LEU A 65 15.42 3.55 4.89
N GLY A 66 16.25 3.34 5.90
CA GLY A 66 17.28 4.30 6.28
C GLY A 66 18.46 4.34 5.34
N GLU A 67 18.66 3.29 4.55
CA GLU A 67 19.70 3.32 3.52
C GLU A 67 19.19 3.92 2.23
N ASP A 68 17.99 3.52 1.84
CA ASP A 68 17.28 4.10 0.72
C ASP A 68 17.36 5.62 0.76
N VAL A 69 17.20 6.20 1.94
CA VAL A 69 17.20 7.64 2.08
C VAL A 69 18.61 8.23 2.17
N SER A 70 19.49 7.55 2.91
CA SER A 70 20.86 8.01 3.07
C SER A 70 21.62 7.95 1.77
N THR A 71 21.27 6.99 0.91
CA THR A 71 21.99 6.77 -0.32
C THR A 71 21.29 7.34 -1.54
N GLY A 72 20.12 7.92 -1.35
CA GLY A 72 19.39 8.46 -2.48
C GLY A 72 18.79 7.35 -3.34
N GLY A 73 18.82 6.14 -2.81
CA GLY A 73 18.27 4.99 -3.51
C GLY A 73 19.33 4.14 -4.19
N LYS A 74 20.52 4.72 -4.33
CA LYS A 74 21.66 4.04 -4.97
C LYS A 74 21.91 2.66 -4.35
N GLY A 75 21.69 2.58 -3.04
CA GLY A 75 21.91 1.36 -2.28
C GLY A 75 20.70 0.46 -2.20
N ARG A 76 20.59 -0.28 -1.09
CA ARG A 76 19.45 -1.16 -0.85
C ARG A 76 18.20 -0.32 -0.87
N THR A 77 17.11 -0.92 -1.33
CA THR A 77 15.90 -0.14 -1.56
C THR A 77 14.69 -0.83 -0.96
N VAL A 78 13.73 -0.02 -0.51
CA VAL A 78 12.44 -0.52 -0.05
C VAL A 78 11.70 -1.11 -1.22
N THR A 79 11.15 -2.31 -1.04
CA THR A 79 10.47 -2.98 -2.14
C THR A 79 8.94 -2.96 -1.98
N MET A 80 8.26 -3.59 -2.91
CA MET A 80 6.81 -3.66 -2.89
C MET A 80 6.36 -4.76 -1.97
N ASP A 81 7.13 -5.84 -1.96
CA ASP A 81 6.84 -7.01 -1.15
C ASP A 81 7.00 -6.67 0.32
N MET A 82 7.97 -5.81 0.61
CA MET A 82 8.18 -5.26 1.93
C MET A 82 6.90 -4.61 2.40
N ILE A 83 6.38 -3.72 1.57
CA ILE A 83 5.11 -3.04 1.80
C ILE A 83 3.92 -3.97 1.68
N ILE A 84 3.99 -4.90 0.74
CA ILE A 84 2.93 -5.88 0.54
C ILE A 84 2.78 -6.73 1.79
N TYR A 85 3.92 -7.04 2.40
CA TYR A 85 3.92 -7.91 3.55
C TYR A 85 3.09 -7.25 4.65
N LEU A 86 3.29 -5.94 4.80
CA LEU A 86 2.64 -5.17 5.88
C LEU A 86 1.14 -5.15 5.70
N ILE A 87 0.73 -5.06 4.46
CA ILE A 87 -0.67 -5.04 4.11
C ILE A 87 -1.29 -6.41 4.37
N LYS A 88 -0.52 -7.46 4.05
CA LYS A 88 -0.99 -8.81 4.24
C LYS A 88 -1.38 -9.03 5.72
N ARG A 89 -0.59 -8.46 6.62
CA ARG A 89 -0.75 -8.63 8.06
C ARG A 89 -1.87 -7.80 8.69
N SER A 90 -2.04 -6.58 8.20
CA SER A 90 -3.08 -5.66 8.68
C SER A 90 -4.46 -6.29 8.43
N VAL A 91 -4.67 -6.71 7.19
CA VAL A 91 -5.88 -7.42 6.78
C VAL A 91 -6.15 -8.61 7.68
N GLU A 92 -5.12 -9.43 7.92
CA GLU A 92 -5.28 -10.64 8.75
C GLU A 92 -5.71 -10.28 10.17
N MET A 93 -5.35 -9.08 10.61
CA MET A 93 -5.68 -8.66 11.95
C MET A 93 -6.99 -7.88 12.03
N LYS A 94 -7.26 -7.06 11.01
CA LYS A 94 -8.57 -6.43 10.84
C LYS A 94 -9.67 -7.50 10.95
N ALA A 95 -9.35 -8.70 10.49
CA ALA A 95 -10.28 -9.84 10.50
C ALA A 95 -10.56 -10.34 11.91
N GLU A 96 -9.55 -10.29 12.77
CA GLU A 96 -9.66 -10.79 14.14
C GLU A 96 -10.41 -9.81 15.03
N ILE A 97 -10.09 -8.53 14.85
CA ILE A 97 -10.73 -7.40 15.51
C ILE A 97 -12.17 -7.25 15.10
N GLY A 98 -12.36 -7.02 13.81
CA GLY A 98 -13.66 -6.64 13.28
C GLY A 98 -13.77 -5.15 13.08
N LYS A 99 -14.92 -4.60 13.47
CA LYS A 99 -15.21 -3.20 13.25
C LYS A 99 -14.37 -2.34 14.17
N ILE A 100 -13.73 -1.35 13.55
CA ILE A 100 -12.92 -0.40 14.29
C ILE A 100 -13.69 0.90 14.36
N GLU A 101 -14.33 1.15 15.50
CA GLU A 101 -14.95 2.44 15.71
C GLU A 101 -13.84 3.46 15.75
N LEU A 102 -14.15 4.67 15.31
CA LEU A 102 -13.14 5.70 15.14
C LEU A 102 -12.96 6.45 16.45
N PHE A 103 -11.80 7.10 16.59
CA PHE A 103 -11.41 7.83 17.78
C PHE A 103 -11.20 6.90 18.97
N VAL A 104 -10.12 6.13 18.91
CA VAL A 104 -9.72 5.29 20.04
C VAL A 104 -8.78 6.05 20.97
N VAL A 105 -9.21 6.25 22.20
CA VAL A 105 -8.33 6.79 23.21
C VAL A 105 -7.22 5.78 23.38
N PRO A 106 -5.97 6.21 23.15
CA PRO A 106 -4.82 5.29 23.26
C PRO A 106 -4.67 4.77 24.69
N GLY A 107 -4.32 3.51 24.85
CA GLY A 107 -4.02 3.00 26.17
C GLY A 107 -4.42 1.56 26.38
N GLY A 108 -4.95 1.28 27.57
CA GLY A 108 -5.54 -0.03 27.85
C GLY A 108 -4.64 -0.92 28.66
N SER A 109 -3.48 -1.23 28.11
CA SER A 109 -2.50 -2.07 28.77
C SER A 109 -1.16 -1.47 28.49
N VAL A 110 -0.13 -1.99 29.16
CA VAL A 110 1.21 -1.50 28.89
C VAL A 110 1.61 -1.92 27.48
N GLU A 111 1.18 -3.11 27.09
CA GLU A 111 1.45 -3.65 25.76
C GLU A 111 0.87 -2.73 24.70
N SER A 112 -0.42 -2.46 24.82
CA SER A 112 -1.12 -1.64 23.86
C SER A 112 -0.64 -0.19 23.90
N ALA A 113 -0.29 0.28 25.10
CA ALA A 113 0.13 1.67 25.26
C ALA A 113 1.47 1.93 24.58
N SER A 114 2.43 1.06 24.82
CA SER A 114 3.76 1.17 24.25
C SER A 114 3.74 1.28 22.73
N LEU A 115 2.81 0.57 22.08
CA LEU A 115 2.67 0.62 20.63
C LEU A 115 2.04 1.92 20.14
N HIS A 116 1.11 2.47 20.91
CA HIS A 116 0.50 3.75 20.56
C HIS A 116 1.56 4.82 20.56
N MET A 117 2.56 4.62 21.41
CA MET A 117 3.71 5.50 21.48
C MET A 117 4.50 5.37 20.21
N ALA A 118 4.74 4.13 19.80
CA ALA A 118 5.53 3.84 18.60
C ALA A 118 4.77 4.22 17.32
N ARG A 119 3.44 4.05 17.34
CA ARG A 119 2.57 4.47 16.24
C ARG A 119 2.76 5.96 16.01
N ALA A 120 2.85 6.69 17.10
CA ALA A 120 2.91 8.14 17.09
C ALA A 120 4.17 8.65 16.42
N VAL A 121 5.28 8.03 16.80
CA VAL A 121 6.59 8.38 16.28
C VAL A 121 6.66 7.98 14.83
N SER A 122 5.87 6.97 14.47
CA SER A 122 5.76 6.56 13.10
C SER A 122 5.05 7.60 12.23
N ARG A 123 3.98 8.19 12.76
CA ARG A 123 3.31 9.25 12.02
C ARG A 123 4.13 10.53 12.01
N ARG A 124 4.97 10.68 13.03
CA ARG A 124 5.95 11.74 13.05
C ARG A 124 6.94 11.50 11.95
N LEU A 125 7.40 10.26 11.85
CA LEU A 125 8.34 9.90 10.81
C LEU A 125 7.77 10.27 9.45
N GLU A 126 6.51 9.92 9.23
CA GLU A 126 5.86 10.22 7.97
C GLU A 126 6.06 11.68 7.68
N ARG A 127 5.63 12.52 8.62
CA ARG A 127 5.77 13.96 8.53
C ARG A 127 7.16 14.40 8.13
N ARG A 128 8.16 13.74 8.71
CA ARG A 128 9.56 14.08 8.47
C ARG A 128 10.03 13.66 7.07
N ILE A 129 9.46 12.58 6.56
CA ILE A 129 9.68 12.18 5.18
C ILE A 129 9.01 13.13 4.18
N LYS A 130 7.78 13.53 4.48
CA LYS A 130 7.05 14.52 3.69
C LYS A 130 7.94 15.73 3.47
N ALA A 131 8.47 16.24 4.58
CA ALA A 131 9.30 17.43 4.57
C ALA A 131 10.56 17.28 3.72
N ALA A 132 11.17 16.11 3.76
CA ALA A 132 12.43 15.91 3.07
C ALA A 132 12.25 15.86 1.56
N SER A 133 11.22 15.13 1.12
CA SER A 133 10.91 14.96 -0.31
C SER A 133 10.87 16.30 -1.05
N GLU A 134 10.28 17.29 -0.40
CA GLU A 134 10.12 18.61 -1.02
C GLU A 134 11.44 19.37 -1.06
N LEU A 135 12.52 18.71 -0.66
CA LEU A 135 13.84 19.34 -0.63
C LEU A 135 14.97 18.43 -1.17
N THR A 136 14.73 17.13 -1.14
CA THR A 136 15.67 16.17 -1.72
C THR A 136 14.89 14.94 -2.20
N GLU A 137 15.38 14.31 -3.26
CA GLU A 137 14.70 13.18 -3.87
C GLU A 137 14.56 12.00 -2.91
N ILE A 138 13.35 11.47 -2.80
CA ILE A 138 13.09 10.29 -1.97
C ILE A 138 12.22 9.32 -2.75
N ASN A 139 12.44 8.02 -2.59
CA ASN A 139 11.57 7.04 -3.22
C ASN A 139 10.20 7.03 -2.57
N ALA A 140 9.17 6.75 -3.37
CA ALA A 140 7.81 6.76 -2.86
C ALA A 140 7.65 5.64 -1.83
N ASN A 141 8.07 4.44 -2.20
CA ASN A 141 8.05 3.28 -1.31
C ASN A 141 8.47 3.57 0.13
N VAL A 142 9.42 4.50 0.28
CA VAL A 142 9.79 5.03 1.60
C VAL A 142 8.57 5.57 2.34
N LEU A 143 7.80 6.44 1.71
CA LEU A 143 6.64 7.00 2.40
C LEU A 143 5.48 6.00 2.47
N LEU A 144 5.36 5.17 1.45
CA LEU A 144 4.31 4.17 1.40
C LEU A 144 4.48 3.14 2.51
N TYR A 145 5.72 2.70 2.70
CA TYR A 145 6.03 1.81 3.80
C TYR A 145 5.77 2.51 5.13
N ALA A 146 6.19 3.78 5.19
CA ALA A 146 6.09 4.55 6.41
C ALA A 146 4.66 4.72 6.89
N ASN A 147 3.72 4.81 5.95
CA ASN A 147 2.33 5.00 6.33
C ASN A 147 1.70 3.69 6.78
N MET A 148 2.06 2.61 6.09
CA MET A 148 1.48 1.31 6.38
C MET A 148 1.93 0.82 7.73
N LEU A 149 3.12 1.26 8.09
CA LEU A 149 3.69 0.94 9.39
C LEU A 149 2.89 1.61 10.53
N SER A 150 2.49 2.86 10.33
CA SER A 150 1.70 3.54 11.35
C SER A 150 0.38 2.82 11.47
N ASN A 151 -0.24 2.54 10.33
CA ASN A 151 -1.51 1.85 10.32
C ASN A 151 -1.39 0.54 11.08
N ILE A 152 -0.32 -0.21 10.82
CA ILE A 152 -0.22 -1.56 11.37
C ILE A 152 0.07 -1.54 12.88
N LEU A 153 0.79 -0.52 13.34
CA LEU A 153 1.04 -0.35 14.78
C LEU A 153 -0.25 -0.08 15.53
N PHE A 154 -1.26 0.39 14.79
CA PHE A 154 -2.55 0.64 15.39
C PHE A 154 -3.27 -0.68 15.57
N MET A 155 -3.06 -1.59 14.63
CA MET A 155 -3.64 -2.93 14.71
C MET A 155 -3.10 -3.64 15.93
N HIS A 156 -1.79 -3.51 16.11
CA HIS A 156 -1.10 -4.15 17.21
C HIS A 156 -1.66 -3.76 18.57
N ALA A 157 -1.69 -2.47 18.86
CA ALA A 157 -2.27 -1.97 20.10
C ALA A 157 -3.62 -2.58 20.32
N LEU A 158 -4.45 -2.54 19.28
CA LEU A 158 -5.82 -3.04 19.36
C LEU A 158 -5.86 -4.50 19.80
N ILE A 159 -5.32 -5.37 18.96
CA ILE A 159 -5.24 -6.81 19.24
C ILE A 159 -4.74 -7.12 20.64
N SER A 160 -3.71 -6.39 21.05
CA SER A 160 -3.11 -6.55 22.37
C SER A 160 -4.17 -6.45 23.46
N ASN A 161 -4.98 -5.40 23.39
CA ASN A 161 -6.03 -5.25 24.36
C ASN A 161 -7.08 -6.33 24.19
N LYS A 162 -7.24 -6.80 22.95
CA LYS A 162 -8.24 -7.80 22.64
C LYS A 162 -7.92 -9.14 23.30
N ARG A 163 -6.68 -9.57 23.12
CA ARG A 163 -6.23 -10.82 23.67
C ARG A 163 -6.12 -10.74 25.18
N LEU A 164 -5.93 -9.52 25.69
CA LEU A 164 -5.97 -9.28 27.13
C LEU A 164 -7.39 -9.04 27.61
N ASN A 165 -8.35 -9.16 26.69
CA ASN A 165 -9.74 -8.86 27.01
C ASN A 165 -9.90 -7.46 27.57
N ILE A 166 -9.19 -6.49 27.00
CA ILE A 166 -9.29 -5.11 27.46
C ILE A 166 -9.98 -4.22 26.42
N PRO A 167 -11.14 -3.64 26.79
CA PRO A 167 -11.92 -2.81 25.87
C PRO A 167 -11.30 -1.44 25.66
N GLU A 168 -11.25 -0.98 24.41
CA GLU A 168 -10.77 0.36 24.16
C GLU A 168 -11.86 1.34 24.59
N LYS A 169 -11.44 2.52 25.07
CA LYS A 169 -12.38 3.61 25.26
C LYS A 169 -12.45 4.41 23.96
N ILE A 170 -13.65 4.83 23.58
CA ILE A 170 -13.82 5.65 22.39
C ILE A 170 -14.26 7.05 22.79
N TRP A 171 -13.71 8.06 22.13
CA TRP A 171 -13.97 9.46 22.48
C TRP A 171 -15.38 9.91 22.09
N ASP B 24 -5.84 22.13 -8.25
CA ASP B 24 -6.89 21.17 -8.61
C ASP B 24 -6.49 20.37 -9.84
N ASP B 25 -5.56 20.90 -10.62
CA ASP B 25 -5.09 20.25 -11.83
C ASP B 25 -4.67 18.79 -11.63
N PRO B 26 -3.80 18.51 -10.63
CA PRO B 26 -3.35 17.11 -10.47
C PRO B 26 -4.50 16.16 -10.18
N ILE B 27 -5.54 16.66 -9.51
CA ILE B 27 -6.72 15.85 -9.29
C ILE B 27 -7.38 15.56 -10.62
N ILE B 28 -7.56 16.59 -11.44
CA ILE B 28 -8.29 16.45 -12.69
C ILE B 28 -7.62 15.46 -13.63
N GLU B 29 -6.34 15.69 -13.88
CA GLU B 29 -5.51 14.71 -14.57
C GLU B 29 -5.70 13.29 -14.05
N ALA B 30 -5.41 13.13 -12.76
CA ALA B 30 -5.57 11.85 -12.06
C ALA B 30 -6.85 11.14 -12.48
N ASN B 31 -8.00 11.69 -12.10
CA ASN B 31 -9.28 11.08 -12.39
C ASN B 31 -9.58 10.90 -13.86
N GLY B 32 -9.26 11.92 -14.65
CA GLY B 32 -9.55 11.87 -16.07
C GLY B 32 -8.77 10.74 -16.68
N THR B 33 -7.50 10.67 -16.29
CA THR B 33 -6.60 9.62 -16.74
C THR B 33 -7.06 8.25 -16.23
N LEU B 34 -7.64 8.24 -15.02
CA LEU B 34 -8.29 7.04 -14.50
C LEU B 34 -9.52 6.67 -15.34
N ASP B 35 -10.28 7.68 -15.78
CA ASP B 35 -11.45 7.44 -16.63
C ASP B 35 -10.99 6.72 -17.90
N GLU B 36 -9.89 7.18 -18.47
CA GLU B 36 -9.31 6.55 -19.65
C GLU B 36 -9.04 5.06 -19.40
N LEU B 37 -8.31 4.78 -18.32
CA LEU B 37 -7.94 3.42 -17.95
C LEU B 37 -9.11 2.45 -17.84
N THR B 38 -10.15 2.85 -17.11
CA THR B 38 -11.28 1.96 -16.89
C THR B 38 -12.09 1.80 -18.15
N SER B 39 -12.05 2.80 -19.04
CA SER B 39 -12.71 2.66 -20.32
C SER B 39 -12.01 1.60 -21.19
N PHE B 40 -10.68 1.62 -21.18
CA PHE B 40 -9.92 0.70 -22.00
C PHE B 40 -10.04 -0.72 -21.51
N ILE B 41 -10.18 -0.88 -20.22
CA ILE B 41 -10.46 -2.19 -19.65
C ILE B 41 -11.81 -2.69 -20.17
N GLY B 42 -12.82 -1.81 -20.09
CA GLY B 42 -14.16 -2.12 -20.54
C GLY B 42 -14.22 -2.57 -21.99
N GLU B 43 -13.27 -2.11 -22.79
CA GLU B 43 -13.13 -2.62 -24.15
C GLU B 43 -12.41 -3.94 -24.11
N ALA B 44 -11.36 -4.01 -23.30
CA ALA B 44 -10.52 -5.20 -23.26
C ALA B 44 -11.26 -6.40 -22.71
N LYS B 45 -12.20 -6.18 -21.80
CA LYS B 45 -12.88 -7.29 -21.15
C LYS B 45 -13.75 -8.09 -22.12
N HIS B 46 -13.80 -7.64 -23.36
CA HIS B 46 -14.63 -8.30 -24.35
C HIS B 46 -13.85 -9.37 -25.08
N TYR B 47 -12.54 -9.44 -24.83
CA TYR B 47 -11.70 -10.37 -25.56
C TYR B 47 -11.12 -11.48 -24.73
N VAL B 48 -11.57 -11.59 -23.49
CA VAL B 48 -10.99 -12.55 -22.56
C VAL B 48 -12.03 -13.59 -22.11
N ASP B 49 -11.61 -14.63 -21.39
CA ASP B 49 -12.58 -15.62 -20.95
C ASP B 49 -13.49 -15.03 -19.88
N GLU B 50 -14.50 -15.77 -19.46
CA GLU B 50 -15.39 -15.27 -18.42
C GLU B 50 -14.58 -14.94 -17.17
N GLU B 51 -13.54 -15.72 -16.92
CA GLU B 51 -12.79 -15.57 -15.67
C GLU B 51 -12.08 -14.24 -15.64
N MET B 52 -11.38 -13.92 -16.73
CA MET B 52 -10.65 -12.67 -16.80
C MET B 52 -11.58 -11.48 -16.94
N LYS B 53 -12.75 -11.71 -17.52
CA LYS B 53 -13.75 -10.65 -17.59
C LYS B 53 -14.20 -10.26 -16.19
N GLY B 54 -14.47 -11.27 -15.36
CA GLY B 54 -15.00 -11.08 -14.03
C GLY B 54 -14.01 -10.41 -13.10
N ILE B 55 -12.74 -10.55 -13.43
CA ILE B 55 -11.66 -9.81 -12.76
C ILE B 55 -11.60 -8.36 -13.21
N LEU B 56 -11.55 -8.18 -14.53
CA LEU B 56 -11.54 -6.87 -15.12
C LEU B 56 -12.73 -6.03 -14.67
N GLU B 57 -13.90 -6.65 -14.58
CA GLU B 57 -15.08 -5.95 -14.08
C GLU B 57 -14.97 -5.61 -12.59
N GLU B 58 -14.17 -6.38 -11.85
CA GLU B 58 -13.96 -6.11 -10.43
C GLU B 58 -13.06 -4.89 -10.25
N ILE B 59 -12.11 -4.75 -11.15
CA ILE B 59 -11.14 -3.67 -11.11
C ILE B 59 -11.79 -2.37 -11.56
N GLN B 60 -12.70 -2.45 -12.52
CA GLN B 60 -13.43 -1.26 -12.94
C GLN B 60 -14.13 -0.68 -11.71
N ASN B 61 -14.53 -1.56 -10.81
CA ASN B 61 -15.13 -1.14 -9.56
C ASN B 61 -14.16 -0.45 -8.62
N ASP B 62 -13.02 -1.07 -8.35
CA ASP B 62 -12.05 -0.50 -7.43
C ASP B 62 -11.49 0.81 -7.92
N ILE B 63 -11.35 0.93 -9.25
CA ILE B 63 -11.00 2.19 -9.88
C ILE B 63 -12.07 3.23 -9.65
N TYR B 64 -13.33 2.81 -9.63
CA TYR B 64 -14.41 3.72 -9.28
C TYR B 64 -14.18 4.27 -7.87
N LYS B 65 -14.04 3.37 -6.91
CA LYS B 65 -13.75 3.75 -5.52
C LYS B 65 -12.48 4.58 -5.42
N ILE B 66 -11.55 4.31 -6.33
CA ILE B 66 -10.35 5.12 -6.39
C ILE B 66 -10.66 6.55 -6.79
N MET B 67 -11.38 6.74 -7.90
CA MET B 67 -11.75 8.07 -8.38
C MET B 67 -12.68 8.79 -7.44
N GLY B 68 -13.45 8.01 -6.67
CA GLY B 68 -14.38 8.56 -5.67
C GLY B 68 -13.62 9.19 -4.52
N GLU B 69 -12.58 8.50 -4.09
CA GLU B 69 -11.73 9.05 -3.05
C GLU B 69 -11.05 10.31 -3.53
N ILE B 70 -10.47 10.22 -4.72
CA ILE B 70 -9.65 11.26 -5.31
C ILE B 70 -10.41 12.50 -5.71
N GLY B 71 -11.56 12.32 -6.38
CA GLY B 71 -12.33 13.47 -6.77
C GLY B 71 -12.70 14.21 -5.50
N SER B 72 -12.92 13.43 -4.46
CA SER B 72 -13.39 13.94 -3.19
C SER B 72 -12.27 14.48 -2.31
N LYS B 73 -11.07 14.49 -2.87
CA LYS B 73 -9.87 14.96 -2.18
C LYS B 73 -9.61 14.28 -0.81
N GLY B 74 -10.28 13.16 -0.56
CA GLY B 74 -10.01 12.38 0.62
C GLY B 74 -11.21 12.20 1.53
N LYS B 75 -12.22 13.05 1.35
CA LYS B 75 -13.38 13.02 2.21
C LYS B 75 -14.09 11.68 2.06
N ILE B 76 -14.31 11.30 0.81
CA ILE B 76 -14.89 10.01 0.50
C ILE B 76 -13.85 8.91 0.70
N GLU B 77 -14.25 7.86 1.40
CA GLU B 77 -13.43 6.67 1.56
C GLU B 77 -13.17 6.00 0.21
N GLY B 78 -11.93 5.58 -0.01
CA GLY B 78 -11.54 4.92 -1.25
C GLY B 78 -11.61 3.39 -1.18
N ILE B 79 -10.54 2.74 -1.63
CA ILE B 79 -10.47 1.29 -1.63
C ILE B 79 -9.91 0.74 -0.33
N SER B 80 -10.21 -0.54 -0.09
CA SER B 80 -9.86 -1.23 1.14
C SER B 80 -8.44 -1.78 1.10
N GLU B 81 -7.89 -2.16 2.25
CA GLU B 81 -6.64 -2.87 2.21
C GLU B 81 -6.91 -4.27 1.67
N GLU B 82 -8.11 -4.77 1.93
CA GLU B 82 -8.46 -6.12 1.51
C GLU B 82 -8.45 -6.21 0.01
N ARG B 83 -8.71 -5.08 -0.65
CA ARG B 83 -8.70 -5.04 -2.10
C ARG B 83 -7.31 -5.33 -2.65
N ILE B 84 -6.29 -4.82 -1.98
CA ILE B 84 -4.91 -4.91 -2.45
C ILE B 84 -4.31 -6.29 -2.17
N LYS B 85 -4.69 -6.91 -1.05
CA LYS B 85 -4.31 -8.29 -0.78
C LYS B 85 -4.86 -9.16 -1.92
N TRP B 86 -6.10 -8.87 -2.31
CA TRP B 86 -6.74 -9.58 -3.41
C TRP B 86 -5.88 -9.54 -4.65
N LEU B 87 -5.37 -8.36 -4.99
CA LEU B 87 -4.49 -8.22 -6.14
C LEU B 87 -3.26 -9.09 -6.02
N ALA B 88 -2.54 -8.91 -4.93
CA ALA B 88 -1.35 -9.70 -4.63
C ALA B 88 -1.61 -11.20 -4.79
N GLY B 89 -2.79 -11.63 -4.34
CA GLY B 89 -3.22 -13.01 -4.49
C GLY B 89 -3.25 -13.42 -5.94
N LEU B 90 -3.78 -12.53 -6.77
CA LEU B 90 -3.85 -12.76 -8.21
C LEU B 90 -2.48 -12.81 -8.85
N ILE B 91 -1.66 -11.79 -8.55
CA ILE B 91 -0.26 -11.76 -8.97
C ILE B 91 0.44 -13.07 -8.64
N GLU B 92 0.27 -13.51 -7.41
CA GLU B 92 0.86 -14.76 -6.98
C GLU B 92 0.30 -15.91 -7.82
N ARG B 93 -1.00 -15.85 -8.09
CA ARG B 93 -1.69 -16.92 -8.81
C ARG B 93 -1.23 -17.11 -10.27
N TYR B 94 -0.91 -16.01 -10.95
CA TYR B 94 -0.58 -16.10 -12.38
C TYR B 94 0.89 -16.25 -12.67
N SER B 95 1.71 -15.77 -11.74
CA SER B 95 3.16 -15.84 -11.92
C SER B 95 3.63 -17.30 -12.02
N GLU B 96 2.81 -18.20 -11.51
CA GLU B 96 3.09 -19.63 -11.51
C GLU B 96 3.09 -20.24 -12.91
N MET B 97 2.11 -19.85 -13.73
CA MET B 97 1.97 -20.44 -15.05
C MET B 97 2.88 -19.69 -16.03
N LEU B 105 8.11 -7.38 -26.67
CA LEU B 105 7.17 -6.82 -27.64
C LEU B 105 5.74 -7.04 -27.23
N PRO B 106 4.98 -5.94 -27.06
CA PRO B 106 3.55 -6.03 -26.73
C PRO B 106 2.76 -6.68 -27.85
N GLY B 107 1.81 -7.55 -27.50
CA GLY B 107 0.77 -7.96 -28.43
C GLY B 107 1.05 -9.15 -29.32
N GLY B 108 1.32 -10.29 -28.70
CA GLY B 108 1.42 -11.54 -29.44
C GLY B 108 0.07 -11.90 -30.03
N THR B 109 -0.98 -11.42 -29.38
CA THR B 109 -2.31 -11.56 -29.94
C THR B 109 -2.95 -10.20 -29.87
N LEU B 110 -4.11 -10.04 -30.51
CA LEU B 110 -4.84 -8.80 -30.36
C LEU B 110 -5.35 -8.72 -28.93
N GLU B 111 -5.74 -9.85 -28.37
CA GLU B 111 -6.16 -9.91 -26.98
C GLU B 111 -5.00 -9.48 -26.08
N SER B 112 -3.83 -10.06 -26.33
CA SER B 112 -2.61 -9.72 -25.60
C SER B 112 -2.32 -8.24 -25.68
N ALA B 113 -2.44 -7.69 -26.89
CA ALA B 113 -2.14 -6.29 -27.14
C ALA B 113 -3.06 -5.39 -26.31
N LYS B 114 -4.34 -5.76 -26.26
CA LYS B 114 -5.33 -5.05 -25.47
C LYS B 114 -4.88 -4.79 -24.03
N LEU B 115 -4.51 -5.87 -23.35
CA LEU B 115 -4.17 -5.81 -21.93
C LEU B 115 -2.84 -5.15 -21.74
N ASP B 116 -1.99 -5.24 -22.74
CA ASP B 116 -0.70 -4.59 -22.66
C ASP B 116 -0.90 -3.09 -22.83
N VAL B 117 -1.84 -2.72 -23.68
CA VAL B 117 -2.23 -1.32 -23.84
C VAL B 117 -2.77 -0.80 -22.54
N CYS B 118 -3.51 -1.65 -21.85
CA CYS B 118 -4.11 -1.26 -20.59
C CYS B 118 -3.00 -1.07 -19.57
N ARG B 119 -1.94 -1.86 -19.70
CA ARG B 119 -0.77 -1.79 -18.80
C ARG B 119 -0.04 -0.45 -18.88
N THR B 120 0.11 0.09 -20.09
CA THR B 120 0.76 1.38 -20.25
C THR B 120 -0.10 2.51 -19.67
N ILE B 121 -1.41 2.44 -19.87
CA ILE B 121 -2.32 3.39 -19.25
C ILE B 121 -2.23 3.35 -17.73
N ALA B 122 -2.28 2.15 -17.20
CA ALA B 122 -2.10 1.89 -15.78
C ALA B 122 -0.86 2.59 -15.25
N ARG B 123 0.22 2.46 -16.01
CA ARG B 123 1.50 3.00 -15.59
C ARG B 123 1.41 4.51 -15.48
N ARG B 124 0.67 5.14 -16.38
CA ARG B 124 0.58 6.60 -16.39
C ARG B 124 -0.40 7.10 -15.32
N ALA B 125 -1.48 6.37 -15.13
CA ALA B 125 -2.41 6.62 -14.04
C ALA B 125 -1.67 6.54 -12.70
N GLU B 126 -0.83 5.50 -12.59
CA GLU B 126 0.04 5.26 -11.44
C GLU B 126 0.96 6.44 -11.11
N ARG B 127 1.45 7.10 -12.16
CA ARG B 127 2.27 8.27 -11.97
C ARG B 127 1.42 9.52 -11.66
N LYS B 128 0.33 9.71 -12.39
CA LYS B 128 -0.55 10.86 -12.21
C LYS B 128 -1.26 10.86 -10.86
N VAL B 129 -1.30 9.69 -10.24
CA VAL B 129 -1.85 9.55 -8.90
C VAL B 129 -0.73 9.75 -7.88
N ALA B 130 0.47 9.32 -8.25
CA ALA B 130 1.66 9.61 -7.44
C ALA B 130 1.85 11.12 -7.34
N THR B 131 1.61 11.82 -8.45
CA THR B 131 1.74 13.28 -8.51
C THR B 131 0.68 13.94 -7.64
N VAL B 132 -0.41 13.22 -7.38
CA VAL B 132 -1.44 13.73 -6.48
C VAL B 132 -0.98 13.65 -5.03
N LEU B 133 -0.36 12.53 -4.68
CA LEU B 133 0.03 12.28 -3.30
C LEU B 133 1.11 13.23 -2.80
N ARG B 134 2.23 13.33 -3.53
CA ARG B 134 3.33 14.22 -3.16
C ARG B 134 2.84 15.65 -3.05
N GLU B 135 1.80 15.98 -3.80
CA GLU B 135 1.28 17.33 -3.83
C GLU B 135 0.36 17.65 -2.65
N PHE B 136 -0.40 16.66 -2.20
CA PHE B 136 -1.33 16.85 -1.09
C PHE B 136 -1.03 15.93 0.10
N GLY B 137 -1.02 14.63 -0.17
CA GLY B 137 -0.87 13.65 0.88
C GLY B 137 -2.14 12.83 0.96
N ILE B 138 -2.70 12.59 -0.21
CA ILE B 138 -3.91 11.79 -0.40
C ILE B 138 -3.58 10.67 -1.37
N GLY B 139 -4.14 9.49 -1.14
CA GLY B 139 -4.18 8.41 -2.11
C GLY B 139 -3.06 7.39 -2.02
N THR B 140 -2.74 6.97 -0.80
CA THR B 140 -1.63 6.05 -0.60
C THR B 140 -1.96 4.63 -1.07
N LEU B 141 -3.07 4.07 -0.59
CA LEU B 141 -3.49 2.73 -1.02
C LEU B 141 -3.71 2.70 -2.52
N ALA B 142 -4.31 3.75 -3.04
CA ALA B 142 -4.60 3.87 -4.47
C ALA B 142 -3.34 3.60 -5.27
N ALA B 143 -2.32 4.39 -4.95
CA ALA B 143 -1.02 4.29 -5.61
C ALA B 143 -0.53 2.86 -5.66
N ILE B 144 -0.48 2.26 -4.47
CA ILE B 144 -0.12 0.86 -4.28
C ILE B 144 -1.01 -0.07 -5.11
N TYR B 145 -2.32 0.15 -5.03
CA TYR B 145 -3.28 -0.63 -5.80
C TYR B 145 -3.00 -0.59 -7.28
N LEU B 146 -2.64 0.59 -7.75
CA LEU B 146 -2.42 0.78 -9.18
C LEU B 146 -1.12 0.15 -9.66
N ALA B 147 -0.08 0.22 -8.83
CA ALA B 147 1.22 -0.33 -9.19
C ALA B 147 1.18 -1.85 -9.26
N LEU B 148 0.52 -2.49 -8.31
CA LEU B 148 0.33 -3.94 -8.38
C LEU B 148 -0.47 -4.28 -9.63
N LEU B 149 -1.40 -3.40 -9.97
CA LEU B 149 -2.34 -3.64 -11.06
C LEU B 149 -1.68 -3.69 -12.43
N SER B 150 -0.75 -2.78 -12.68
CA SER B 150 -0.02 -2.76 -13.95
C SER B 150 0.86 -4.00 -14.10
N ARG B 151 1.35 -4.53 -12.98
CA ARG B 151 2.14 -5.76 -13.01
C ARG B 151 1.25 -6.95 -13.26
N LEU B 152 -0.02 -6.81 -12.89
CA LEU B 152 -1.02 -7.83 -13.14
C LEU B 152 -1.48 -7.83 -14.59
N LEU B 153 -1.80 -6.64 -15.09
CA LEU B 153 -2.10 -6.46 -16.49
C LEU B 153 -1.03 -7.11 -17.33
N PHE B 154 0.22 -6.91 -16.92
CA PHE B 154 1.33 -7.48 -17.65
C PHE B 154 1.19 -8.99 -17.69
N LEU B 155 1.03 -9.58 -16.51
CA LEU B 155 0.83 -11.02 -16.37
C LEU B 155 -0.30 -11.59 -17.24
N LEU B 156 -1.44 -10.92 -17.24
CA LEU B 156 -2.60 -11.38 -18.00
C LEU B 156 -2.31 -11.47 -19.49
N ALA B 157 -1.79 -10.38 -20.03
CA ALA B 157 -1.43 -10.30 -21.44
C ALA B 157 -0.53 -11.47 -21.79
N ARG B 158 0.49 -11.69 -20.96
CA ARG B 158 1.45 -12.77 -21.21
C ARG B 158 0.84 -14.14 -20.99
N VAL B 159 -0.23 -14.21 -20.22
CA VAL B 159 -0.88 -15.49 -19.96
C VAL B 159 -1.68 -15.93 -21.17
N ILE B 160 -2.45 -15.04 -21.78
CA ILE B 160 -3.18 -15.45 -22.97
C ILE B 160 -2.22 -15.76 -24.11
N GLU B 161 -1.14 -14.97 -24.20
CA GLU B 161 -0.03 -15.28 -25.08
C GLU B 161 0.35 -16.74 -24.89
N ILE B 162 0.48 -17.16 -23.63
CA ILE B 162 0.86 -18.54 -23.32
C ILE B 162 -0.24 -19.53 -23.73
N GLU B 163 -1.47 -19.18 -23.41
CA GLU B 163 -2.62 -20.06 -23.57
C GLU B 163 -2.94 -20.37 -25.02
N LYS B 164 -2.67 -19.41 -25.90
CA LYS B 164 -2.96 -19.58 -27.32
C LYS B 164 -1.76 -20.23 -28.01
N ASN B 165 -0.57 -19.94 -27.48
CA ASN B 165 0.68 -20.56 -27.94
C ASN B 165 0.83 -21.98 -27.43
N LYS B 166 0.16 -22.30 -26.33
CA LYS B 166 0.15 -23.66 -25.80
C LYS B 166 -0.72 -24.56 -26.67
N LEU B 167 -1.70 -23.93 -27.32
CA LEU B 167 -2.59 -24.61 -28.26
C LEU B 167 -1.89 -24.89 -29.59
#